data_2Y7X
#
_entry.id   2Y7X
#
_cell.length_a   55.859
_cell.length_b   71.599
_cell.length_c   78.279
_cell.angle_alpha   90.00
_cell.angle_beta   90.00
_cell.angle_gamma   90.00
#
_symmetry.space_group_name_H-M   'P 21 21 21'
#
loop_
_entity.id
_entity.type
_entity.pdbx_description
1 polymer 'ACTIVATED FACTOR XA HEAVY CHAIN'
2 polymer 'FACTOR X LIGHT CHAIN'
3 non-polymer 6-CHLORO-N-[(3S)-1-(5-FLUORO-1,2,3,4-TETRAHYDROISOQUINOLIN-6-YL)-2-OXO-PYRROLIDIN-3-YL]NAPHTHALENE-2-SULFONAMIDE
4 non-polymer 'CALCIUM ION'
5 non-polymer 'MAGNESIUM ION'
6 water water
#
loop_
_entity_poly.entity_id
_entity_poly.type
_entity_poly.pdbx_seq_one_letter_code
_entity_poly.pdbx_strand_id
1 'polypeptide(L)'
;IVGGQECKDGECPWQALLINEENEGFCGGTILSEFYILTAAHCLYQAKRFKVRVGDRNTEQEEGGEAVHEVEVVIKHNRF
TKETYDFDIAVLRLKTPITFRMNVAPACLPERDWAESTLMTQKTGIVSGFGRTHEKGRQSTRLKMLEVPYVDRNSCKLSS
SFIITQNMFCAGYDTKQEDACQGDSGGPHVTRFKDTYFVTGIVSWGEGCARKGKYGIYTKVTAFLKWIDRSMKTRGLPKA
KSHAPEVITSSPLK
;
A
2 'polypeptide(L)'
;EEMKKGHLERECMEETCSYEEAREVFEDSDKTNEFWNKYKDGDQCETSPCQNQGKCKDGLGEYTCTCLEGFEGKNCELFT
RKLCSLDNGDCDQFCHEEQNSVVCSCARGYTLADNGKACIPTGPYPCGKQTLER
;
B
#
loop_
_chem_comp.id
_chem_comp.type
_chem_comp.name
_chem_comp.formula
CA non-polymer 'CALCIUM ION' 'Ca 2'
MG non-polymer 'MAGNESIUM ION' 'Mg 2'
MZA non-polymer 6-CHLORO-N-[(3S)-1-(5-FLUORO-1,2,3,4-TETRAHYDROISOQUINOLIN-6-YL)-2-OXO-PYRROLIDIN-3-YL]NAPHTHALENE-2-SULFONAMIDE 'C23 H21 Cl F N3 O3 S'
#
# COMPACT_ATOMS: atom_id res chain seq x y z
N ILE A 1 13.17 -4.71 -1.65
CA ILE A 1 12.52 -5.48 -2.76
C ILE A 1 13.52 -6.39 -3.47
N VAL A 2 13.27 -7.70 -3.42
CA VAL A 2 14.09 -8.68 -4.12
C VAL A 2 13.54 -8.84 -5.53
N GLY A 3 14.38 -8.63 -6.54
CA GLY A 3 13.90 -8.71 -7.92
C GLY A 3 13.11 -7.45 -8.27
N GLY A 4 12.12 -7.59 -9.12
CA GLY A 4 11.30 -6.46 -9.55
C GLY A 4 12.07 -5.43 -10.37
N GLN A 5 11.58 -4.19 -10.34
CA GLN A 5 12.14 -3.13 -11.17
C GLN A 5 12.21 -1.78 -10.42
N GLU A 6 12.99 -0.83 -10.96
CA GLU A 6 13.00 0.54 -10.40
C GLU A 6 11.66 1.20 -10.64
N CYS A 7 11.19 2.00 -9.69
CA CYS A 7 10.03 2.80 -9.97
C CYS A 7 10.55 3.93 -10.85
N LYS A 8 9.97 4.05 -12.04
CA LYS A 8 10.37 5.11 -12.93
C LYS A 8 9.67 6.42 -12.52
N ASP A 9 10.01 7.51 -13.18
CA ASP A 9 9.48 8.83 -12.83
C ASP A 9 7.94 8.83 -12.75
N GLY A 10 7.42 9.24 -11.60
CA GLY A 10 5.97 9.33 -11.39
C GLY A 10 5.24 8.01 -11.15
N GLU A 11 5.94 6.88 -11.20
CA GLU A 11 5.30 5.57 -11.11
C GLU A 11 4.84 5.11 -9.74
N CYS A 12 5.53 5.52 -8.69
CA CYS A 12 5.16 5.10 -7.33
C CYS A 12 5.02 6.34 -6.45
N PRO A 13 4.13 7.27 -6.83
CA PRO A 13 4.08 8.57 -6.11
C PRO A 13 3.57 8.52 -4.67
N TRP A 14 2.88 7.44 -4.31
CA TRP A 14 2.34 7.22 -2.94
C TRP A 14 3.32 6.61 -1.96
N GLN A 15 4.54 6.33 -2.40
CA GLN A 15 5.56 5.76 -1.53
C GLN A 15 6.03 6.78 -0.49
N ALA A 16 6.07 6.35 0.77
CA ALA A 16 6.66 7.16 1.84
C ALA A 16 7.76 6.30 2.46
N LEU A 17 8.75 6.98 3.05
CA LEU A 17 9.87 6.30 3.69
C LEU A 17 10.02 6.84 5.09
N LEU A 18 10.04 5.94 6.08
CA LEU A 18 10.24 6.38 7.45
C LEU A 18 11.74 6.44 7.66
N ILE A 19 12.21 7.59 8.08
CA ILE A 19 13.63 7.80 8.25
C ILE A 19 13.97 8.10 9.70
N ASN A 20 15.03 7.46 10.19
CA ASN A 20 15.52 7.66 11.54
C ASN A 20 16.31 8.98 11.68
N GLU A 21 16.89 9.20 12.86
CA GLU A 21 17.66 10.43 13.15
C GLU A 21 18.86 10.63 12.23
N GLU A 22 19.42 9.53 11.72
CA GLU A 22 20.55 9.57 10.79
C GLU A 22 20.13 9.64 9.31
N ASN A 23 18.86 9.97 9.09
CA ASN A 23 18.25 10.08 7.76
C ASN A 23 18.33 8.79 6.93
N GLU A 24 18.26 7.65 7.62
CA GLU A 24 18.27 6.35 6.96
C GLU A 24 16.87 5.73 7.01
N GLY A 25 16.41 5.24 5.87
CA GLY A 25 15.11 4.60 5.80
C GLY A 25 15.14 3.32 6.62
N PHE A 26 14.11 3.09 7.42
CA PHE A 26 14.00 1.82 8.16
C PHE A 26 12.67 1.09 7.87
N CYS A 27 11.73 1.81 7.28
CA CYS A 27 10.42 1.26 6.88
C CYS A 27 9.80 2.12 5.79
N GLY A 28 8.79 1.57 5.11
CA GLY A 28 8.02 2.29 4.12
C GLY A 28 6.71 2.75 4.72
N GLY A 29 5.95 3.47 3.91
CA GLY A 29 4.60 3.92 4.26
C GLY A 29 3.90 4.19 2.95
N THR A 30 2.59 4.46 3.03
CA THR A 30 1.80 4.83 1.86
C THR A 30 1.13 6.17 2.12
N ILE A 31 1.27 7.11 1.19
CA ILE A 31 0.59 8.38 1.34
C ILE A 31 -0.91 8.16 1.14
N LEU A 32 -1.73 8.49 2.14
CA LEU A 32 -3.20 8.38 1.99
C LEU A 32 -3.88 9.73 1.69
N SER A 33 -3.24 10.81 2.10
CA SER A 33 -3.77 12.16 1.92
C SER A 33 -2.69 13.14 2.31
N GLU A 34 -2.98 14.44 2.18
CA GLU A 34 -1.97 15.44 2.48
C GLU A 34 -1.47 15.33 3.91
N PHE A 35 -2.30 14.80 4.82
CA PHE A 35 -1.91 14.71 6.21
C PHE A 35 -1.60 13.32 6.73
N TYR A 36 -1.99 12.27 6.02
CA TYR A 36 -1.84 10.93 6.59
C TYR A 36 -1.02 9.91 5.81
N ILE A 37 -0.24 9.16 6.58
CA ILE A 37 0.61 8.08 6.09
C ILE A 37 0.16 6.76 6.71
N LEU A 38 -0.01 5.72 5.89
CA LEU A 38 -0.31 4.37 6.36
C LEU A 38 1.01 3.64 6.53
N THR A 39 1.17 2.91 7.64
CA THR A 39 2.38 2.12 7.83
C THR A 39 2.10 0.90 8.73
N ALA A 40 3.13 0.11 9.01
CA ALA A 40 2.99 -1.05 9.88
C ALA A 40 3.21 -0.64 11.32
N ALA A 41 2.36 -1.11 12.21
CA ALA A 41 2.55 -0.87 13.63
C ALA A 41 3.92 -1.37 14.10
N HIS A 42 4.40 -2.49 13.55
CA HIS A 42 5.69 -3.05 13.98
C HIS A 42 6.90 -2.16 13.68
N CYS A 43 6.73 -1.21 12.76
CA CYS A 43 7.77 -0.25 12.41
C CYS A 43 8.01 0.80 13.49
N LEU A 44 7.03 0.99 14.37
CA LEU A 44 7.09 2.04 15.39
C LEU A 44 7.93 1.67 16.62
N TYR A 45 8.60 0.52 16.57
CA TYR A 45 9.46 0.07 17.65
C TYR A 45 10.91 0.02 17.18
N GLN A 46 11.12 0.36 15.90
CA GLN A 46 12.45 0.28 15.26
C GLN A 46 13.27 1.56 15.32
N ALA A 47 12.65 2.65 15.77
CA ALA A 47 13.31 3.94 15.91
C ALA A 47 12.59 4.76 16.97
N LYS A 48 13.37 5.48 17.77
CA LYS A 48 12.82 6.32 18.84
C LYS A 48 12.12 7.55 18.28
N ARG A 49 12.78 8.23 17.35
CA ARG A 49 12.26 9.43 16.70
C ARG A 49 12.46 9.26 15.21
N PHE A 50 11.43 9.57 14.43
CA PHE A 50 11.52 9.43 12.99
C PHE A 50 10.70 10.49 12.26
N LYS A 51 11.01 10.63 10.98
CA LYS A 51 10.31 11.54 10.11
C LYS A 51 9.88 10.73 8.90
N VAL A 52 9.10 11.37 8.04
CA VAL A 52 8.64 10.74 6.81
C VAL A 52 9.17 11.52 5.61
N ARG A 53 9.77 10.79 4.66
CA ARG A 53 10.20 11.38 3.40
C ARG A 53 9.34 10.86 2.24
N VAL A 54 8.95 11.78 1.36
CA VAL A 54 8.16 11.48 0.17
C VAL A 54 8.88 12.10 -1.03
N GLY A 55 8.45 11.72 -2.24
CA GLY A 55 8.98 12.25 -3.50
C GLY A 55 10.42 11.91 -3.80
N ASP A 56 10.84 10.76 -3.32
CA ASP A 56 12.23 10.34 -3.45
C ASP A 56 12.31 8.99 -4.17
N ARG A 57 13.17 8.91 -5.19
CA ARG A 57 13.37 7.62 -5.88
C ARG A 57 14.81 7.14 -5.79
N ASN A 58 15.72 8.07 -5.49
CA ASN A 58 17.16 7.78 -5.41
C ASN A 58 17.73 8.50 -4.20
N THR A 59 18.08 7.76 -3.15
CA THR A 59 18.62 8.35 -1.92
C THR A 59 20.03 8.95 -2.05
N GLU A 60 20.65 8.80 -3.23
CA GLU A 60 22.01 9.30 -3.52
C GLU A 60 22.08 10.57 -4.40
N GLN A 61 20.92 11.10 -4.79
CA GLN A 61 20.85 12.30 -5.64
C GLN A 61 19.62 13.15 -5.33
N GLU A 62 19.73 14.47 -5.42
CA GLU A 62 18.55 15.31 -5.24
C GLU A 62 17.85 15.45 -6.59
N GLU A 63 16.60 15.01 -6.65
CA GLU A 63 15.84 14.96 -7.91
C GLU A 63 14.87 16.15 -8.08
N GLY A 64 14.62 16.86 -6.98
CA GLY A 64 13.77 18.04 -7.00
C GLY A 64 12.35 17.83 -6.45
N GLY A 65 12.06 16.62 -6.01
CA GLY A 65 10.71 16.31 -5.52
C GLY A 65 10.63 15.92 -4.08
N GLU A 66 11.80 15.69 -3.45
CA GLU A 66 11.90 15.26 -2.07
C GLU A 66 11.34 16.23 -1.02
N ALA A 67 10.60 15.69 -0.06
CA ALA A 67 10.08 16.48 1.05
C ALA A 67 10.07 15.64 2.31
N VAL A 68 10.59 16.22 3.39
CA VAL A 68 10.62 15.58 4.68
C VAL A 68 9.50 16.19 5.51
N HIS A 69 8.78 15.34 6.21
CA HIS A 69 7.68 15.76 7.06
C HIS A 69 7.83 15.18 8.46
N GLU A 70 7.62 16.03 9.45
CA GLU A 70 7.61 15.62 10.83
C GLU A 70 6.24 15.06 11.15
N VAL A 71 6.23 14.15 12.11
CA VAL A 71 5.04 13.46 12.56
C VAL A 71 4.48 14.16 13.80
N GLU A 72 3.19 14.51 13.72
CA GLU A 72 2.46 15.13 14.82
C GLU A 72 1.87 14.06 15.75
N VAL A 73 1.28 13.01 15.16
CA VAL A 73 0.61 11.98 15.94
C VAL A 73 0.87 10.59 15.36
N VAL A 74 1.13 9.63 16.24
CA VAL A 74 1.23 8.23 15.83
C VAL A 74 -0.05 7.56 16.30
N ILE A 75 -0.82 6.99 15.36
CA ILE A 75 -2.03 6.27 15.69
C ILE A 75 -1.81 4.78 15.36
N LYS A 76 -1.41 4.02 16.37
CA LYS A 76 -1.13 2.59 16.25
C LYS A 76 -2.40 1.79 16.58
N HIS A 77 -2.61 0.65 15.91
CA HIS A 77 -3.78 -0.15 16.26
C HIS A 77 -3.56 -0.74 17.68
N ASN A 78 -4.51 -0.49 18.58
CA ASN A 78 -4.38 -0.98 19.96
C ASN A 78 -4.38 -2.50 20.13
N ARG A 79 -4.86 -3.22 19.12
CA ARG A 79 -4.85 -4.68 19.15
C ARG A 79 -3.61 -5.30 18.51
N PHE A 80 -2.62 -4.46 18.17
CA PHE A 80 -1.36 -4.97 17.59
C PHE A 80 -0.66 -5.90 18.54
N THR A 81 -0.30 -7.08 18.06
CA THR A 81 0.39 -8.08 18.88
C THR A 81 1.74 -8.40 18.27
N LYS A 82 2.80 -8.15 19.02
CA LYS A 82 4.17 -8.35 18.55
C LYS A 82 4.52 -9.79 18.22
N GLU A 83 3.92 -10.74 18.94
CA GLU A 83 4.24 -12.13 18.70
C GLU A 83 3.76 -12.57 17.31
N THR A 84 2.55 -12.19 16.94
CA THR A 84 1.96 -12.63 15.68
C THR A 84 1.91 -11.59 14.57
N TYR A 85 2.12 -10.33 14.92
CA TYR A 85 1.98 -9.20 13.99
C TYR A 85 0.52 -9.05 13.54
N ASP A 86 -0.41 -9.62 14.30
CA ASP A 86 -1.82 -9.42 14.03
C ASP A 86 -2.07 -7.92 14.25
N PHE A 87 -3.02 -7.35 13.51
CA PHE A 87 -3.33 -5.90 13.55
C PHE A 87 -2.07 -5.05 13.32
N ASP A 88 -1.25 -5.44 12.34
CA ASP A 88 -0.01 -4.73 12.04
C ASP A 88 -0.33 -3.52 11.19
N ILE A 89 -0.80 -2.46 11.84
CA ILE A 89 -1.20 -1.26 11.12
C ILE A 89 -1.13 -0.02 12.00
N ALA A 90 -0.79 1.11 11.38
CA ALA A 90 -0.71 2.37 12.07
C ALA A 90 -0.91 3.46 11.04
N VAL A 91 -1.44 4.58 11.51
CA VAL A 91 -1.60 5.76 10.70
C VAL A 91 -0.80 6.90 11.38
N LEU A 92 -0.13 7.69 10.55
CA LEU A 92 0.65 8.83 11.03
C LEU A 92 0.02 10.15 10.56
N ARG A 93 -0.19 11.08 11.49
CA ARG A 93 -0.65 12.40 11.08
C ARG A 93 0.60 13.30 11.03
N LEU A 94 0.82 13.94 9.89
CA LEU A 94 1.99 14.80 9.73
C LEU A 94 1.74 16.23 10.24
N LYS A 95 2.79 16.90 10.69
CA LYS A 95 2.66 18.28 11.20
C LYS A 95 2.31 19.26 10.08
N THR A 96 2.90 19.07 8.90
CA THR A 96 2.62 19.93 7.74
C THR A 96 2.06 19.11 6.57
N PRO A 97 1.19 19.72 5.75
CA PRO A 97 0.60 18.90 4.67
C PRO A 97 1.56 18.59 3.53
N ILE A 98 1.41 17.40 2.94
CA ILE A 98 2.22 17.02 1.80
C ILE A 98 1.68 17.80 0.62
N THR A 99 2.57 18.42 -0.15
CA THR A 99 2.16 19.15 -1.35
C THR A 99 2.34 18.18 -2.52
N PHE A 100 1.23 17.77 -3.10
CA PHE A 100 1.28 16.81 -4.19
C PHE A 100 1.95 17.45 -5.41
N ARG A 101 2.74 16.66 -6.12
CA ARG A 101 3.48 17.11 -7.29
C ARG A 101 3.99 15.86 -7.97
N MET A 102 4.82 16.02 -8.99
CA MET A 102 5.47 14.88 -9.63
C MET A 102 6.09 14.00 -8.53
N ASN A 103 5.86 12.68 -8.60
CA ASN A 103 6.38 11.69 -7.62
C ASN A 103 5.80 11.77 -6.20
N VAL A 104 4.76 12.58 -6.02
CA VAL A 104 4.15 12.75 -4.71
C VAL A 104 2.65 12.82 -4.89
N ALA A 105 1.96 11.73 -4.59
CA ALA A 105 0.49 11.67 -4.76
C ALA A 105 -0.05 10.50 -3.90
N PRO A 106 -1.31 10.59 -3.42
CA PRO A 106 -1.82 9.51 -2.59
C PRO A 106 -2.35 8.34 -3.40
N ALA A 107 -2.39 7.17 -2.77
CA ALA A 107 -3.00 5.99 -3.35
C ALA A 107 -4.45 6.07 -2.86
N CYS A 108 -5.40 5.49 -3.58
CA CYS A 108 -6.80 5.55 -3.16
C CYS A 108 -7.14 4.48 -2.13
N LEU A 109 -7.99 4.86 -1.17
CA LEU A 109 -8.56 3.87 -0.27
C LEU A 109 -9.78 3.30 -0.98
N PRO A 110 -9.86 1.96 -1.10
CA PRO A 110 -11.05 1.41 -1.77
C PRO A 110 -12.18 1.20 -0.74
N GLU A 111 -13.34 0.74 -1.19
CA GLU A 111 -14.38 0.30 -0.25
C GLU A 111 -14.13 -1.17 -0.06
N ARG A 112 -14.49 -1.68 1.13
CA ARG A 112 -14.21 -3.05 1.53
C ARG A 112 -14.74 -4.14 0.60
N ASP A 113 -16.06 -4.17 0.40
CA ASP A 113 -16.69 -5.24 -0.39
C ASP A 113 -16.16 -5.29 -1.81
N TRP A 114 -16.12 -4.12 -2.43
CA TRP A 114 -15.60 -4.01 -3.80
C TRP A 114 -14.14 -4.42 -3.90
N ALA A 115 -13.30 -3.92 -3.00
CA ALA A 115 -11.89 -4.33 -2.98
C ALA A 115 -11.70 -5.85 -2.85
N GLU A 116 -12.43 -6.45 -1.91
CA GLU A 116 -12.33 -7.88 -1.68
C GLU A 116 -12.85 -8.69 -2.87
N SER A 117 -13.93 -8.22 -3.49
CA SER A 117 -14.50 -8.95 -4.62
C SER A 117 -13.80 -8.69 -5.94
N THR A 118 -13.27 -7.47 -6.10
CA THR A 118 -12.74 -7.05 -7.39
C THR A 118 -11.24 -6.72 -7.46
N LEU A 119 -10.65 -6.23 -6.37
CA LEU A 119 -9.21 -5.94 -6.39
C LEU A 119 -8.39 -7.16 -5.94
N MET A 120 -8.83 -7.80 -4.86
CA MET A 120 -8.11 -8.93 -4.30
C MET A 120 -8.25 -10.19 -5.13
N THR A 121 -9.17 -10.16 -6.11
CA THR A 121 -9.34 -11.28 -7.04
C THR A 121 -8.58 -11.07 -8.35
N GLN A 122 -7.93 -9.91 -8.51
CA GLN A 122 -7.05 -9.66 -9.67
C GLN A 122 -5.91 -10.65 -9.56
N LYS A 123 -5.16 -10.85 -10.64
CA LYS A 123 -4.03 -11.76 -10.61
C LYS A 123 -2.91 -11.26 -9.70
N THR A 124 -2.66 -9.95 -9.72
CA THR A 124 -1.52 -9.41 -9.00
C THR A 124 -1.78 -8.07 -8.32
N GLY A 125 -0.90 -7.75 -7.39
CA GLY A 125 -0.83 -6.44 -6.74
C GLY A 125 0.61 -5.95 -6.94
N ILE A 126 0.91 -4.75 -6.45
CA ILE A 126 2.25 -4.19 -6.58
C ILE A 126 2.78 -3.74 -5.23
N VAL A 127 3.96 -4.26 -4.86
CA VAL A 127 4.62 -3.92 -3.61
C VAL A 127 5.81 -3.05 -3.98
N SER A 128 6.13 -2.07 -3.14
CA SER A 128 7.26 -1.19 -3.46
C SER A 128 8.07 -0.83 -2.22
N GLY A 129 9.32 -0.42 -2.43
CA GLY A 129 10.15 0.02 -1.32
C GLY A 129 11.64 0.19 -1.59
N PHE A 130 12.33 0.67 -0.57
CA PHE A 130 13.77 0.89 -0.57
C PHE A 130 14.46 -0.23 0.21
N GLY A 131 13.73 -1.32 0.49
CA GLY A 131 14.26 -2.45 1.24
C GLY A 131 15.35 -3.25 0.54
N ARG A 132 15.92 -4.21 1.26
CA ARG A 132 16.99 -5.06 0.74
C ARG A 132 16.67 -5.73 -0.58
N THR A 133 17.70 -5.92 -1.41
CA THR A 133 17.54 -6.52 -2.72
C THR A 133 17.81 -8.02 -2.72
N HIS A 134 18.23 -8.53 -1.56
CA HIS A 134 18.31 -9.97 -1.29
C HIS A 134 18.29 -10.15 0.22
N GLU A 135 17.98 -11.36 0.69
CA GLU A 135 17.78 -11.59 2.13
C GLU A 135 18.91 -11.07 3.03
N LYS A 136 20.16 -11.29 2.62
CA LYS A 136 21.33 -10.91 3.41
C LYS A 136 22.03 -9.66 2.90
N GLY A 137 21.43 -8.97 1.92
CA GLY A 137 22.02 -7.78 1.33
C GLY A 137 21.78 -6.48 2.08
N ARG A 138 22.16 -5.37 1.46
CA ARG A 138 21.92 -4.04 2.01
C ARG A 138 20.65 -3.45 1.40
N GLN A 139 20.20 -2.33 1.96
CA GLN A 139 19.01 -1.65 1.49
C GLN A 139 19.27 -0.93 0.16
N SER A 140 18.24 -0.88 -0.67
CA SER A 140 18.36 -0.25 -1.98
C SER A 140 18.42 1.26 -1.88
N THR A 141 19.27 1.87 -2.71
CA THR A 141 19.31 3.32 -2.77
C THR A 141 18.27 3.79 -3.79
N ARG A 142 17.70 2.84 -4.53
CA ARG A 142 16.67 3.12 -5.51
C ARG A 142 15.32 2.56 -5.05
N LEU A 143 14.26 3.33 -5.25
CA LEU A 143 12.92 2.86 -4.96
C LEU A 143 12.56 1.80 -5.99
N LYS A 144 12.18 0.61 -5.52
CA LYS A 144 11.81 -0.47 -6.41
C LYS A 144 10.35 -0.86 -6.23
N MET A 145 9.78 -1.46 -7.28
CA MET A 145 8.44 -2.00 -7.27
C MET A 145 8.50 -3.43 -7.84
N LEU A 146 7.47 -4.19 -7.56
CA LEU A 146 7.44 -5.60 -7.91
C LEU A 146 6.00 -6.02 -8.00
N GLU A 147 5.65 -6.63 -9.12
CA GLU A 147 4.34 -7.21 -9.29
C GLU A 147 4.32 -8.52 -8.50
N VAL A 148 3.39 -8.64 -7.56
CA VAL A 148 3.28 -9.85 -6.73
C VAL A 148 1.91 -10.50 -6.90
N PRO A 149 1.88 -11.78 -7.31
CA PRO A 149 0.58 -12.43 -7.46
C PRO A 149 -0.13 -12.61 -6.13
N TYR A 150 -1.46 -12.47 -6.15
CA TYR A 150 -2.24 -12.84 -4.98
C TYR A 150 -2.10 -14.35 -4.84
N VAL A 151 -1.94 -14.80 -3.61
CA VAL A 151 -1.77 -16.21 -3.34
C VAL A 151 -2.99 -16.78 -2.64
N ASP A 152 -3.43 -17.94 -3.11
CA ASP A 152 -4.54 -18.67 -2.51
C ASP A 152 -4.35 -18.73 -0.99
N ARG A 153 -5.41 -18.39 -0.27
CA ARG A 153 -5.40 -18.34 1.18
C ARG A 153 -5.04 -19.69 1.84
N ASN A 154 -5.58 -20.79 1.32
CA ASN A 154 -5.27 -22.12 1.83
C ASN A 154 -3.80 -22.51 1.55
N SER A 155 -3.32 -22.23 0.34
CA SER A 155 -1.92 -22.54 0.00
C SER A 155 -1.01 -21.75 0.90
N CYS A 156 -1.39 -20.52 1.19
CA CYS A 156 -0.58 -19.70 2.06
C CYS A 156 -0.55 -20.25 3.47
N LYS A 157 -1.71 -20.66 3.98
CA LYS A 157 -1.76 -21.23 5.32
C LYS A 157 -0.90 -22.48 5.37
N LEU A 158 -1.01 -23.33 4.36
CA LEU A 158 -0.21 -24.56 4.35
C LEU A 158 1.30 -24.27 4.38
N SER A 159 1.71 -23.22 3.68
CA SER A 159 3.12 -22.86 3.54
C SER A 159 3.74 -22.20 4.76
N SER A 160 2.90 -21.67 5.64
CA SER A 160 3.33 -20.87 6.80
C SER A 160 3.52 -21.64 8.12
N SER A 161 4.66 -21.40 8.77
CA SER A 161 5.01 -22.02 10.06
C SER A 161 4.42 -21.19 11.18
N PHE A 162 3.71 -20.13 10.78
CA PHE A 162 3.10 -19.20 11.73
C PHE A 162 1.67 -18.87 11.32
N ILE A 163 0.84 -18.53 12.31
CA ILE A 163 -0.57 -18.27 12.01
C ILE A 163 -0.78 -17.08 11.07
N ILE A 164 -1.70 -17.29 10.13
CA ILE A 164 -2.14 -16.27 9.19
C ILE A 164 -3.52 -15.86 9.68
N THR A 165 -3.59 -14.71 10.33
CA THR A 165 -4.87 -14.26 10.87
C THR A 165 -5.79 -13.72 9.78
N GLN A 166 -7.02 -13.40 10.17
CA GLN A 166 -8.02 -12.82 9.27
C GLN A 166 -7.60 -11.43 8.75
N ASN A 167 -6.57 -10.86 9.41
CA ASN A 167 -6.01 -9.53 9.14
C ASN A 167 -4.76 -9.52 8.24
N MET A 168 -4.50 -10.67 7.61
CA MET A 168 -3.33 -10.83 6.78
C MET A 168 -3.71 -11.55 5.51
N PHE A 169 -2.91 -11.34 4.47
CA PHE A 169 -3.04 -12.11 3.25
C PHE A 169 -1.64 -12.33 2.72
N CYS A 170 -1.52 -13.26 1.78
CA CYS A 170 -0.22 -13.61 1.25
C CYS A 170 -0.12 -13.23 -0.22
N ALA A 171 1.11 -12.91 -0.64
CA ALA A 171 1.37 -12.54 -2.02
C ALA A 171 2.82 -12.83 -2.34
N GLY A 172 3.11 -12.96 -3.61
CA GLY A 172 4.45 -13.22 -4.04
C GLY A 172 4.50 -14.56 -4.75
N TYR A 173 5.63 -15.23 -4.56
CA TYR A 173 5.92 -16.46 -5.27
C TYR A 173 6.40 -17.62 -4.41
N ASP A 174 6.07 -18.81 -4.91
CA ASP A 174 6.50 -20.06 -4.33
C ASP A 174 8.03 -20.10 -4.32
N THR A 175 8.62 -20.25 -5.51
CA THR A 175 10.07 -20.38 -5.68
C THR A 175 10.75 -19.23 -6.42
N LYS A 176 10.02 -18.50 -7.28
CA LYS A 176 10.66 -17.39 -8.01
C LYS A 176 11.29 -16.42 -7.00
N GLN A 177 12.49 -15.94 -7.31
CA GLN A 177 13.25 -15.04 -6.44
C GLN A 177 12.80 -13.58 -6.48
N GLU A 178 11.58 -13.34 -6.04
CA GLU A 178 11.00 -12.00 -5.99
C GLU A 178 10.12 -11.91 -4.76
N ASP A 179 10.29 -10.84 -3.99
CA ASP A 179 9.58 -10.67 -2.73
C ASP A 179 9.96 -9.29 -2.17
N ALA A 180 9.22 -8.85 -1.17
CA ALA A 180 9.59 -7.70 -0.37
C ALA A 180 10.68 -8.23 0.56
N CYS A 181 11.34 -7.35 1.31
CA CYS A 181 12.37 -7.77 2.24
C CYS A 181 12.58 -6.73 3.35
N GLN A 182 13.63 -6.92 4.16
CA GLN A 182 13.95 -6.01 5.27
C GLN A 182 14.02 -4.56 4.81
N GLY A 183 13.29 -3.69 5.51
CA GLY A 183 13.22 -2.28 5.13
C GLY A 183 12.01 -1.90 4.29
N ASP A 184 11.35 -2.89 3.69
CA ASP A 184 10.13 -2.65 2.92
C ASP A 184 8.89 -2.57 3.81
N SER A 185 9.00 -3.12 5.01
CA SER A 185 7.91 -3.12 6.00
C SER A 185 7.22 -1.78 6.14
N GLY A 186 5.88 -1.79 6.25
CA GLY A 186 5.08 -0.57 6.38
C GLY A 186 4.68 0.00 5.03
N GLY A 187 5.36 -0.47 3.97
CA GLY A 187 5.18 0.03 2.60
C GLY A 187 3.90 -0.35 1.87
N PRO A 188 3.70 0.22 0.67
CA PRO A 188 2.46 -0.02 -0.08
C PRO A 188 2.37 -1.38 -0.76
N HIS A 189 1.18 -1.95 -0.70
CA HIS A 189 0.82 -3.04 -1.60
C HIS A 189 -0.41 -2.41 -2.22
N VAL A 190 -0.32 -2.10 -3.51
CA VAL A 190 -1.42 -1.48 -4.23
C VAL A 190 -1.93 -2.40 -5.32
N THR A 191 -3.19 -2.24 -5.70
CA THR A 191 -3.73 -3.05 -6.78
C THR A 191 -4.24 -2.12 -7.83
N ARG A 192 -3.85 -2.39 -9.07
CA ARG A 192 -4.25 -1.55 -10.18
C ARG A 192 -5.60 -1.99 -10.74
N PHE A 193 -6.46 -1.00 -11.00
CA PHE A 193 -7.78 -1.23 -11.61
C PHE A 193 -8.10 -0.08 -12.55
N LYS A 194 -8.14 -0.38 -13.85
CA LYS A 194 -8.40 0.63 -14.89
C LYS A 194 -7.50 1.85 -14.67
N ASP A 195 -6.20 1.58 -14.59
CA ASP A 195 -5.18 2.62 -14.43
C ASP A 195 -5.33 3.46 -13.16
N THR A 196 -6.02 2.90 -12.17
CA THR A 196 -6.13 3.56 -10.88
C THR A 196 -5.64 2.60 -9.81
N TYR A 197 -4.77 3.10 -8.94
CA TYR A 197 -4.13 2.27 -7.91
C TYR A 197 -4.75 2.47 -6.52
N PHE A 198 -5.18 1.33 -5.97
CA PHE A 198 -5.83 1.32 -4.67
C PHE A 198 -4.97 0.59 -3.66
N VAL A 199 -4.79 1.17 -2.46
CA VAL A 199 -3.99 0.48 -1.45
C VAL A 199 -4.78 -0.76 -0.97
N THR A 200 -4.11 -1.92 -1.03
CA THR A 200 -4.70 -3.19 -0.66
C THR A 200 -3.94 -3.91 0.46
N GLY A 201 -2.72 -3.46 0.74
CA GLY A 201 -1.97 -4.11 1.80
C GLY A 201 -0.81 -3.33 2.38
N ILE A 202 -0.31 -3.81 3.51
CA ILE A 202 0.87 -3.25 4.15
C ILE A 202 1.94 -4.35 4.31
N VAL A 203 3.14 -4.10 3.80
CA VAL A 203 4.25 -5.03 3.97
C VAL A 203 4.41 -5.36 5.47
N SER A 204 4.20 -6.62 5.83
CA SER A 204 4.20 -6.97 7.24
C SER A 204 5.36 -7.86 7.66
N TRP A 205 5.40 -9.09 7.15
CA TRP A 205 6.48 -10.03 7.51
C TRP A 205 6.65 -11.15 6.51
N GLY A 206 7.73 -11.91 6.65
CA GLY A 206 7.99 -13.06 5.78
C GLY A 206 9.00 -13.97 6.45
N GLU A 207 8.99 -15.24 6.10
CA GLU A 207 10.01 -16.15 6.67
C GLU A 207 11.22 -16.02 5.76
N GLY A 208 11.99 -14.95 5.99
CA GLY A 208 13.11 -14.60 5.13
C GLY A 208 12.59 -13.79 3.95
N CYS A 209 13.37 -13.73 2.89
CA CYS A 209 12.96 -12.99 1.70
C CYS A 209 13.11 -13.90 0.49
N ALA A 210 12.03 -14.02 -0.28
CA ALA A 210 12.02 -14.82 -1.50
C ALA A 210 12.37 -16.30 -1.33
N ARG A 211 12.21 -16.84 -0.11
CA ARG A 211 12.50 -18.27 0.12
C ARG A 211 11.48 -19.19 -0.55
N LYS A 212 11.97 -20.38 -0.92
CA LYS A 212 11.16 -21.39 -1.56
C LYS A 212 10.03 -21.85 -0.63
N GLY A 213 8.83 -21.98 -1.19
CA GLY A 213 7.66 -22.40 -0.42
C GLY A 213 7.18 -21.40 0.63
N LYS A 214 7.73 -20.19 0.57
CA LYS A 214 7.34 -19.10 1.46
C LYS A 214 6.84 -17.90 0.65
N TYR A 215 5.86 -17.19 1.22
CA TYR A 215 5.26 -16.01 0.59
C TYR A 215 5.44 -14.79 1.48
N GLY A 216 5.16 -13.60 0.91
CA GLY A 216 5.18 -12.34 1.69
C GLY A 216 3.84 -12.22 2.40
N ILE A 217 3.86 -11.75 3.63
CA ILE A 217 2.62 -11.64 4.36
C ILE A 217 2.34 -10.16 4.57
N TYR A 218 1.13 -9.78 4.21
CA TYR A 218 0.71 -8.39 4.22
C TYR A 218 -0.51 -8.17 5.07
N THR A 219 -0.56 -7.03 5.76
CA THR A 219 -1.75 -6.63 6.48
C THR A 219 -2.85 -6.44 5.46
N LYS A 220 -4.01 -7.03 5.74
CA LYS A 220 -5.20 -6.93 4.89
C LYS A 220 -5.88 -5.58 5.11
N VAL A 221 -5.51 -4.60 4.29
CA VAL A 221 -6.05 -3.24 4.44
C VAL A 221 -7.59 -3.19 4.41
N THR A 222 -8.22 -4.08 3.66
CA THR A 222 -9.66 -4.03 3.54
C THR A 222 -10.36 -4.36 4.86
N ALA A 223 -9.69 -5.08 5.75
CA ALA A 223 -10.25 -5.39 7.05
C ALA A 223 -10.17 -4.16 7.98
N PHE A 224 -9.37 -3.17 7.57
CA PHE A 224 -9.15 -1.96 8.40
C PHE A 224 -9.67 -0.63 7.84
N LEU A 225 -10.56 -0.70 6.85
CA LEU A 225 -11.07 0.53 6.21
C LEU A 225 -11.81 1.47 7.14
N LYS A 226 -12.64 0.93 8.02
CA LYS A 226 -13.36 1.74 9.00
C LYS A 226 -12.39 2.32 10.01
N TRP A 227 -11.42 1.51 10.45
CA TRP A 227 -10.40 1.94 11.40
C TRP A 227 -9.56 3.10 10.83
N ILE A 228 -9.13 2.94 9.58
CA ILE A 228 -8.35 3.98 8.88
C ILE A 228 -9.17 5.28 8.83
N ASP A 229 -10.42 5.19 8.36
CA ASP A 229 -11.31 6.37 8.30
C ASP A 229 -11.45 7.08 9.66
N ARG A 230 -11.58 6.33 10.75
CA ARG A 230 -11.65 6.92 12.11
C ARG A 230 -10.33 7.58 12.47
N SER A 231 -9.22 6.89 12.19
CA SER A 231 -7.89 7.44 12.50
C SER A 231 -7.58 8.72 11.72
N MET A 232 -8.17 8.84 10.54
CA MET A 232 -7.95 10.00 9.68
C MET A 232 -8.87 11.18 9.99
N LYS A 233 -9.73 11.05 11.01
CA LYS A 233 -10.59 12.18 11.38
C LYS A 233 -10.08 12.91 12.64
N THR A 234 -9.00 12.38 13.20
CA THR A 234 -8.36 12.97 14.37
C THR A 234 -6.95 12.42 14.49
N ARG A 235 -6.77 11.20 14.57
N ARG B 81 -22.70 -14.43 -14.51
CA ARG B 81 -22.18 -13.06 -14.17
C ARG B 81 -23.26 -12.00 -14.41
N LYS B 82 -23.56 -11.24 -13.37
CA LYS B 82 -24.59 -10.18 -13.44
C LYS B 82 -24.17 -8.93 -12.69
N LEU B 83 -24.68 -7.79 -13.15
CA LEU B 83 -24.45 -6.49 -12.52
C LEU B 83 -22.96 -6.28 -12.21
N CYS B 84 -22.59 -6.08 -10.94
CA CYS B 84 -21.19 -5.84 -10.57
C CYS B 84 -20.26 -7.02 -10.89
N SER B 85 -20.82 -8.21 -11.04
CA SER B 85 -20.04 -9.39 -11.41
C SER B 85 -19.63 -9.37 -12.87
N LEU B 86 -20.43 -8.73 -13.71
CA LEU B 86 -20.14 -8.63 -15.12
C LEU B 86 -19.32 -7.38 -15.41
N ASP B 87 -18.02 -7.58 -15.60
CA ASP B 87 -17.08 -6.49 -15.93
C ASP B 87 -17.21 -5.24 -15.02
N ASN B 88 -17.33 -5.48 -13.72
CA ASN B 88 -17.46 -4.40 -12.73
C ASN B 88 -18.71 -3.53 -12.95
N GLY B 89 -19.72 -4.07 -13.63
CA GLY B 89 -20.95 -3.32 -13.90
C GLY B 89 -20.75 -2.09 -14.78
N ASP B 90 -19.63 -2.07 -15.50
CA ASP B 90 -19.23 -0.98 -16.41
C ASP B 90 -18.71 0.25 -15.63
N CYS B 91 -18.55 0.14 -14.31
CA CYS B 91 -18.09 1.26 -13.47
C CYS B 91 -16.58 1.46 -13.63
N ASP B 92 -16.12 2.72 -13.50
CA ASP B 92 -14.67 3.00 -13.47
C ASP B 92 -14.05 2.47 -12.17
N GLN B 93 -14.80 2.65 -11.08
CA GLN B 93 -14.31 2.30 -9.76
C GLN B 93 -15.28 1.40 -8.96
N PHE B 94 -15.83 1.92 -7.88
CA PHE B 94 -16.68 1.09 -7.03
C PHE B 94 -17.98 0.73 -7.73
N CYS B 95 -18.41 -0.51 -7.53
CA CYS B 95 -19.68 -0.99 -8.05
C CYS B 95 -20.47 -1.59 -6.89
N HIS B 96 -21.71 -1.17 -6.75
CA HIS B 96 -22.67 -1.69 -5.76
C HIS B 96 -23.95 -2.11 -6.48
N GLU B 97 -24.64 -3.10 -5.92
CA GLU B 97 -25.93 -3.54 -6.46
C GLU B 97 -27.04 -3.15 -5.50
N GLU B 98 -27.67 -2.01 -5.78
CA GLU B 98 -28.80 -1.53 -5.00
C GLU B 98 -30.04 -1.92 -5.80
N GLN B 99 -30.93 -2.68 -5.16
CA GLN B 99 -32.09 -3.26 -5.82
C GLN B 99 -31.46 -4.33 -6.71
N ASN B 100 -31.93 -4.46 -7.94
CA ASN B 100 -31.31 -5.38 -8.89
C ASN B 100 -30.62 -4.60 -10.03
N SER B 101 -29.99 -3.49 -9.66
CA SER B 101 -29.31 -2.63 -10.62
C SER B 101 -27.94 -2.14 -10.12
N VAL B 102 -27.03 -1.91 -11.05
CA VAL B 102 -25.68 -1.43 -10.74
C VAL B 102 -25.68 0.02 -10.31
N VAL B 103 -24.94 0.31 -9.25
CA VAL B 103 -24.70 1.69 -8.85
C VAL B 103 -23.18 1.86 -8.77
N CYS B 104 -22.66 2.84 -9.52
CA CYS B 104 -21.24 3.11 -9.55
C CYS B 104 -20.97 4.28 -8.63
N SER B 105 -19.76 4.30 -8.07
CA SER B 105 -19.31 5.43 -7.27
C SER B 105 -17.78 5.54 -7.40
N CYS B 106 -17.21 6.54 -6.76
CA CYS B 106 -15.78 6.83 -6.91
C CYS B 106 -15.08 7.10 -5.58
N ALA B 107 -13.77 6.89 -5.56
CA ALA B 107 -12.96 7.24 -4.38
C ALA B 107 -13.10 8.74 -4.10
N ARG B 108 -12.69 9.14 -2.89
CA ARG B 108 -12.68 10.56 -2.52
C ARG B 108 -11.70 11.29 -3.45
N GLY B 109 -12.13 12.44 -3.93
CA GLY B 109 -11.35 13.25 -4.85
C GLY B 109 -11.80 13.09 -6.30
N TYR B 110 -12.84 12.27 -6.51
CA TYR B 110 -13.42 12.04 -7.82
C TYR B 110 -14.91 12.23 -7.71
N THR B 111 -15.51 12.69 -8.80
CA THR B 111 -16.95 12.80 -8.88
C THR B 111 -17.41 11.90 -10.01
N LEU B 112 -18.55 11.27 -9.80
CA LEU B 112 -19.15 10.40 -10.80
C LEU B 112 -19.58 11.26 -11.98
N ALA B 113 -19.18 10.85 -13.18
CA ALA B 113 -19.51 11.57 -14.42
C ALA B 113 -21.00 11.51 -14.72
N ASP B 114 -21.45 12.29 -15.70
CA ASP B 114 -22.85 12.38 -16.07
C ASP B 114 -23.45 11.05 -16.54
N ASN B 115 -22.62 10.18 -17.11
CA ASN B 115 -23.12 8.86 -17.55
C ASN B 115 -23.33 7.89 -16.37
N GLY B 116 -23.00 8.37 -15.16
CA GLY B 116 -23.15 7.62 -13.91
C GLY B 116 -22.20 6.44 -13.72
N LYS B 117 -21.11 6.43 -14.47
CA LYS B 117 -20.16 5.32 -14.45
C LYS B 117 -18.71 5.72 -14.33
N ALA B 118 -18.29 6.68 -15.15
CA ALA B 118 -16.92 7.16 -15.14
C ALA B 118 -16.65 8.02 -13.89
N CYS B 119 -15.39 8.03 -13.46
CA CYS B 119 -14.95 8.81 -12.30
C CYS B 119 -14.03 9.95 -12.76
N ILE B 120 -14.43 11.20 -12.50
CA ILE B 120 -13.67 12.35 -12.94
C ILE B 120 -12.98 12.97 -11.72
N PRO B 121 -11.65 13.21 -11.83
CA PRO B 121 -10.93 13.86 -10.72
C PRO B 121 -11.49 15.26 -10.45
N THR B 122 -11.65 15.61 -9.19
CA THR B 122 -12.13 16.94 -8.83
C THR B 122 -11.02 17.97 -8.91
N GLY B 123 -9.80 17.57 -8.58
CA GLY B 123 -8.68 18.49 -8.62
C GLY B 123 -7.39 17.86 -9.10
N PRO B 124 -6.26 18.56 -8.92
CA PRO B 124 -4.99 18.01 -9.38
C PRO B 124 -4.51 16.92 -8.43
N TYR B 125 -3.65 16.04 -8.94
CA TYR B 125 -3.10 14.92 -8.17
C TYR B 125 -4.18 14.07 -7.46
N PRO B 126 -5.15 13.54 -8.24
CA PRO B 126 -6.16 12.67 -7.64
C PRO B 126 -5.48 11.38 -7.16
N CYS B 127 -6.02 10.74 -6.13
CA CYS B 127 -5.44 9.52 -5.61
C CYS B 127 -5.36 8.45 -6.69
N GLY B 128 -4.34 7.59 -6.58
CA GLY B 128 -4.24 6.44 -7.46
C GLY B 128 -3.72 6.62 -8.87
N LYS B 129 -3.39 7.86 -9.22
CA LYS B 129 -2.83 8.14 -10.55
C LYS B 129 -1.35 8.38 -10.48
N GLN B 130 -0.62 7.64 -11.29
CA GLN B 130 0.81 7.86 -11.43
C GLN B 130 0.94 9.30 -11.96
N THR B 131 1.97 10.02 -11.50
CA THR B 131 2.09 11.42 -11.89
C THR B 131 2.71 11.57 -13.28
N LEU B 132 2.02 12.35 -14.12
CA LEU B 132 2.31 12.49 -15.56
C LEU B 132 2.10 11.20 -16.37
N GLU B 133 1.04 11.02 -16.99
F1 MZA C . 8.79 -10.91 11.55
C7 MZA C . 8.48 -12.21 11.44
C6 MZA C . 7.33 -12.71 12.07
C5 MZA C . 6.43 -11.79 12.89
C1 MZA C . 5.13 -12.45 13.29
N1 MZA C . 5.35 -13.84 13.74
C3 MZA C . 5.78 -14.67 12.60
C11 MZA C . 7.02 -14.09 11.94
C10 MZA C . 7.83 -14.94 11.19
C9 MZA C . 8.98 -14.42 10.56
C8 MZA C . 9.32 -13.05 10.69
N2 MZA C . 10.48 -12.60 10.03
C25 MZA C . 10.53 -11.49 9.24
O3 MZA C . 9.66 -10.65 9.05
C12 MZA C . 11.75 -13.32 10.11
C13 MZA C . 12.77 -12.37 9.46
C14 MZA C . 11.91 -11.47 8.58
N3 MZA C . 12.40 -10.10 8.52
S1 MZA C . 12.73 -9.35 7.12
O1 MZA C . 13.26 -8.09 7.52
O2 MZA C . 13.58 -10.21 6.39
C15 MZA C . 11.18 -9.13 6.26
C24 MZA C . 10.88 -9.90 5.16
C16 MZA C . 10.28 -8.18 6.74
C17 MZA C . 9.07 -7.96 6.13
C18 MZA C . 8.73 -8.74 4.99
C19 MZA C . 7.49 -8.58 4.33
C20 MZA C . 7.21 -9.34 3.22
CL1 MZA C . 5.71 -9.11 2.40
C23 MZA C . 9.64 -9.72 4.50
C22 MZA C . 9.31 -10.50 3.36
C21 MZA C . 8.11 -10.29 2.74
CA CA D . 16.70 11.71 -4.05
MG MG E . 8.74 -18.06 -2.10
#